data_8PLH
#
_entry.id   8PLH
#
_cell.length_a   146.154
_cell.length_b   103.498
_cell.length_c   62.207
_cell.angle_alpha   90.000
_cell.angle_beta   113.430
_cell.angle_gamma   90.000
#
_symmetry.space_group_name_H-M   'C 1 2 1'
#
loop_
_entity.id
_entity.type
_entity.pdbx_description
1 polymer 'Thioredoxin glutathione reductase'
2 non-polymer 'FLAVIN-ADENINE DINUCLEOTIDE'
3 non-polymer 4-(5-amino-1,3,4-thiadiazol-2-yl)phenol
4 water water
#
_entity_poly.entity_id   1
_entity_poly.type   'polypeptide(L)'
_entity_poly.pdbx_seq_one_letter_code
;GPPPADGTSQWLRKTVDSAAVILFSKTTCPYCKKVKDVLAEAKIKHATIELDQLSNGSAIQKCLASFSKIETVPQMFVRG
KFIGDSQTVLKYYSNDELAGIVNESKYDYDLIVIGGGSGGLAAGKEAAKYGAKTAVLDYVEPTPIGTTWGLGGTCVNVGC
IPKKLMHQAGLLSHALEDAEHFGWSLDRSKISHNWSTMVEGVQSHIGSLNWGYKVALRDNQVTYLNAKGRLISPHEVQIT
DKNQKVSTITGNKIILATGERPKYPEIPGAVEYGITSDDLFSLPYFPGKTLVIGASYVALECAGFLASLGGDVTVMVRSI
LLRGFDQQMAEKVGDYMENHGVKFAKLCVPDEIKQLKVVDTENNKPGLLLVKGHYTDGKKFEEEFETVIFAVGREPQLSK
VLCETVGVKLDKNGRVVCTDDEQTTVSNVYAIGDINAGKPQLTPVAIQAGRYLARRLFAGATELTDYSNVATTVFTPLEY
GACGLSEEDAIEKYGDKDIEVYHSNFKPLEWTVAHREDNVCYMKLVCRKSDNMRVLGLHVLGPNAGEITQGYAVAIKMGA
TKADFDRTIGIHPTCSETFTTLHVTKKSGVSPIVSGC
;
_entity_poly.pdbx_strand_id   A
#
# COMPACT_ATOMS: atom_id res chain seq x y z
N GLY A 7 -22.23 18.11 20.19
CA GLY A 7 -21.80 16.79 19.79
C GLY A 7 -22.55 16.30 18.57
N THR A 8 -23.86 16.09 18.75
CA THR A 8 -24.72 15.81 17.61
C THR A 8 -24.79 17.03 16.69
N SER A 9 -24.94 18.22 17.28
CA SER A 9 -25.05 19.43 16.47
C SER A 9 -23.75 19.74 15.73
N GLN A 10 -22.60 19.46 16.34
CA GLN A 10 -21.33 19.72 15.67
C GLN A 10 -21.12 18.77 14.50
N TRP A 11 -21.47 17.49 14.68
CA TRP A 11 -21.42 16.53 13.58
C TRP A 11 -22.31 16.97 12.42
N LEU A 12 -23.54 17.40 12.73
CA LEU A 12 -24.47 17.74 11.67
C LEU A 12 -24.00 18.95 10.87
N ARG A 13 -23.45 19.96 11.55
CA ARG A 13 -22.89 21.11 10.84
C ARG A 13 -21.77 20.70 9.89
N LYS A 14 -20.87 19.83 10.33
CA LYS A 14 -19.76 19.42 9.46
C LYS A 14 -20.28 18.61 8.28
N THR A 15 -21.28 17.76 8.53
CA THR A 15 -21.83 16.90 7.47
C THR A 15 -22.55 17.72 6.41
N VAL A 16 -23.38 18.67 6.83
CA VAL A 16 -24.11 19.51 5.88
C VAL A 16 -23.15 20.38 5.07
N ASP A 17 -22.11 20.92 5.73
CA ASP A 17 -21.23 21.86 5.06
C ASP A 17 -20.45 21.21 3.92
N SER A 18 -20.04 19.95 4.09
CA SER A 18 -19.10 19.37 3.15
C SER A 18 -19.71 18.35 2.18
N ALA A 19 -20.88 17.79 2.49
CA ALA A 19 -21.52 16.88 1.55
C ALA A 19 -21.86 17.61 0.25
N ALA A 20 -21.71 16.92 -0.88
CA ALA A 20 -22.09 17.52 -2.16
C ALA A 20 -23.61 17.50 -2.36
N VAL A 21 -24.22 16.32 -2.23
CA VAL A 21 -25.66 16.12 -2.33
C VAL A 21 -26.05 15.09 -1.27
N ILE A 22 -26.91 15.46 -0.32
CA ILE A 22 -27.27 14.54 0.76
C ILE A 22 -28.76 14.66 1.05
N LEU A 23 -29.39 13.51 1.32
CA LEU A 23 -30.80 13.39 1.65
C LEU A 23 -30.92 12.86 3.06
N PHE A 24 -31.64 13.59 3.91
CA PHE A 24 -32.03 13.09 5.22
C PHE A 24 -33.42 12.46 5.12
N SER A 25 -33.55 11.22 5.60
CA SER A 25 -34.68 10.40 5.25
C SER A 25 -34.97 9.39 6.36
N LYS A 26 -36.08 8.68 6.22
CA LYS A 26 -36.39 7.50 7.01
C LYS A 26 -36.85 6.38 6.09
N THR A 27 -36.58 5.14 6.50
CA THR A 27 -36.89 3.99 5.65
C THR A 27 -38.38 3.76 5.50
N THR A 28 -39.19 4.31 6.42
CA THR A 28 -40.63 4.05 6.45
C THR A 28 -41.46 5.14 5.80
N CYS A 29 -40.82 6.14 5.18
CA CYS A 29 -41.54 7.30 4.70
C CYS A 29 -41.77 7.21 3.20
N PRO A 30 -43.00 7.08 2.73
CA PRO A 30 -43.24 7.08 1.28
C PRO A 30 -42.91 8.40 0.62
N TYR A 31 -42.90 9.51 1.36
CA TYR A 31 -42.44 10.77 0.78
C TYR A 31 -40.94 10.75 0.53
N CYS A 32 -40.18 10.09 1.40
CA CYS A 32 -38.76 9.93 1.15
C CYS A 32 -38.51 9.00 -0.04
N LYS A 33 -39.25 7.89 -0.11
CA LYS A 33 -39.14 6.98 -1.24
C LYS A 33 -39.47 7.68 -2.56
N LYS A 34 -40.38 8.65 -2.51
CA LYS A 34 -40.80 9.38 -3.70
C LYS A 34 -39.74 10.39 -4.15
N VAL A 35 -38.96 10.92 -3.22
CA VAL A 35 -37.87 11.81 -3.60
C VAL A 35 -36.69 10.99 -4.11
N LYS A 36 -36.42 9.84 -3.50
CA LYS A 36 -35.36 8.96 -3.99
C LYS A 36 -35.59 8.59 -5.44
N ASP A 37 -36.81 8.17 -5.78
CA ASP A 37 -37.11 7.71 -7.13
C ASP A 37 -36.91 8.80 -8.16
N VAL A 38 -37.21 10.05 -7.80
CA VAL A 38 -36.99 11.16 -8.73
C VAL A 38 -35.51 11.43 -8.92
N LEU A 39 -34.73 11.35 -7.85
CA LEU A 39 -33.29 11.56 -7.97
C LEU A 39 -32.64 10.45 -8.80
N ALA A 40 -33.03 9.20 -8.57
CA ALA A 40 -32.48 8.10 -9.35
C ALA A 40 -32.79 8.25 -10.83
N GLU A 41 -34.03 8.62 -11.16
CA GLU A 41 -34.43 8.75 -12.56
C GLU A 41 -33.68 9.89 -13.25
N ALA A 42 -33.44 10.98 -12.53
CA ALA A 42 -32.63 12.06 -13.08
C ALA A 42 -31.14 11.74 -13.06
N LYS A 43 -30.75 10.53 -12.65
CA LYS A 43 -29.34 10.10 -12.56
C LYS A 43 -28.55 11.01 -11.62
N ILE A 44 -29.13 11.33 -10.47
CA ILE A 44 -28.51 12.23 -9.50
C ILE A 44 -27.99 11.38 -8.35
N LYS A 45 -26.66 11.25 -8.27
CA LYS A 45 -26.03 10.50 -7.19
C LYS A 45 -25.98 11.34 -5.92
N HIS A 46 -26.13 10.67 -4.78
CA HIS A 46 -26.23 11.38 -3.50
C HIS A 46 -26.03 10.42 -2.35
N ALA A 47 -25.58 10.97 -1.23
CA ALA A 47 -25.57 10.29 0.05
C ALA A 47 -26.96 10.34 0.68
N THR A 48 -27.24 9.37 1.55
CA THR A 48 -28.50 9.25 2.26
C THR A 48 -28.22 8.85 3.71
N ILE A 49 -28.90 9.49 4.66
CA ILE A 49 -28.79 9.13 6.06
C ILE A 49 -30.18 8.79 6.58
N GLU A 50 -30.38 7.55 7.01
CA GLU A 50 -31.68 7.05 7.44
C GLU A 50 -31.81 7.27 8.95
N LEU A 51 -32.58 8.28 9.35
CA LEU A 51 -32.59 8.70 10.75
C LEU A 51 -33.14 7.62 11.67
N ASP A 52 -34.08 6.79 11.19
CA ASP A 52 -34.65 5.73 12.02
C ASP A 52 -33.66 4.61 12.31
N GLN A 53 -32.47 4.63 11.71
CA GLN A 53 -31.45 3.63 11.96
C GLN A 53 -30.31 4.15 12.82
N LEU A 54 -30.44 5.35 13.39
CA LEU A 54 -29.46 5.93 14.28
C LEU A 54 -30.10 6.18 15.63
N SER A 55 -29.45 5.71 16.69
CA SER A 55 -29.95 5.93 18.05
C SER A 55 -30.02 7.40 18.43
N ASN A 56 -29.39 8.27 17.64
CA ASN A 56 -29.31 9.69 17.90
C ASN A 56 -30.22 10.47 16.95
N GLY A 57 -31.10 9.77 16.22
CA GLY A 57 -31.83 10.41 15.13
C GLY A 57 -32.85 11.44 15.58
N SER A 58 -33.47 11.22 16.75
CA SER A 58 -34.42 12.20 17.27
C SER A 58 -33.74 13.55 17.45
N ALA A 59 -32.53 13.57 18.00
CA ALA A 59 -31.80 14.81 18.17
C ALA A 59 -31.37 15.38 16.82
N ILE A 60 -30.97 14.53 15.87
CA ILE A 60 -30.56 15.02 14.57
C ILE A 60 -31.74 15.70 13.87
N GLN A 61 -32.92 15.08 13.98
CA GLN A 61 -34.11 15.64 13.35
C GLN A 61 -34.46 17.01 13.93
N LYS A 62 -34.29 17.18 15.24
CA LYS A 62 -34.50 18.49 15.85
C LYS A 62 -33.45 19.49 15.37
N CYS A 63 -32.19 19.07 15.29
CA CYS A 63 -31.14 20.01 14.95
C CYS A 63 -31.17 20.39 13.47
N LEU A 64 -31.77 19.56 12.60
CA LEU A 64 -31.93 19.95 11.21
C LEU A 64 -32.67 21.27 11.06
N ALA A 65 -33.59 21.56 11.99
CA ALA A 65 -34.37 22.78 11.90
C ALA A 65 -33.51 24.03 12.01
N SER A 66 -32.30 23.91 12.57
CA SER A 66 -31.39 25.06 12.62
C SER A 66 -30.93 25.47 11.22
N PHE A 67 -30.96 24.55 10.26
CA PHE A 67 -30.56 24.84 8.89
C PHE A 67 -31.75 25.12 7.97
N SER A 68 -32.89 24.45 8.19
CA SER A 68 -33.98 24.45 7.23
C SER A 68 -35.28 25.06 7.74
N LYS A 69 -35.39 25.34 9.04
CA LYS A 69 -36.61 25.81 9.70
C LYS A 69 -37.74 24.79 9.69
N ILE A 70 -37.45 23.52 9.35
CA ILE A 70 -38.43 22.44 9.46
C ILE A 70 -37.79 21.25 10.17
N GLU A 71 -38.65 20.38 10.72
CA GLU A 71 -38.20 19.24 11.51
C GLU A 71 -38.59 17.89 10.91
N THR A 72 -39.16 17.86 9.71
CA THR A 72 -39.66 16.63 9.12
C THR A 72 -38.68 16.08 8.08
N VAL A 73 -38.97 14.87 7.62
CA VAL A 73 -38.20 14.23 6.54
C VAL A 73 -39.13 14.07 5.34
N PRO A 74 -38.62 14.14 4.10
CA PRO A 74 -37.21 14.27 3.69
C PRO A 74 -36.70 15.71 3.65
N GLN A 75 -35.39 15.87 3.79
CA GLN A 75 -34.72 17.15 3.63
C GLN A 75 -33.52 16.96 2.72
N MET A 76 -33.44 17.76 1.66
CA MET A 76 -32.38 17.63 0.67
C MET A 76 -31.47 18.85 0.71
N PHE A 77 -30.16 18.60 0.78
CA PHE A 77 -29.13 19.64 0.83
C PHE A 77 -28.17 19.46 -0.35
N VAL A 78 -27.66 20.57 -0.86
CA VAL A 78 -26.65 20.57 -1.93
C VAL A 78 -25.57 21.57 -1.50
N ARG A 79 -24.37 21.07 -1.22
CA ARG A 79 -23.19 21.88 -0.92
C ARG A 79 -23.46 22.92 0.17
N GLY A 80 -24.12 22.47 1.24
CA GLY A 80 -24.35 23.29 2.41
C GLY A 80 -25.65 24.06 2.42
N LYS A 81 -26.43 24.00 1.34
CA LYS A 81 -27.65 24.79 1.19
C LYS A 81 -28.87 23.88 1.23
N PHE A 82 -29.86 24.25 2.06
CA PHE A 82 -31.13 23.53 2.09
C PHE A 82 -31.88 23.77 0.78
N ILE A 83 -32.20 22.69 0.08
CA ILE A 83 -32.88 22.80 -1.21
C ILE A 83 -34.39 22.74 -1.05
N GLY A 84 -34.91 21.82 -0.24
CA GLY A 84 -36.34 21.80 -0.01
C GLY A 84 -36.80 20.47 0.56
N ASP A 85 -38.08 20.44 0.90
CA ASP A 85 -38.77 19.23 1.34
C ASP A 85 -39.31 18.51 0.09
N SER A 86 -40.26 17.59 0.28
CA SER A 86 -40.82 16.84 -0.84
C SER A 86 -41.43 17.78 -1.89
N GLN A 87 -42.48 18.51 -1.51
CA GLN A 87 -43.20 19.34 -2.49
C GLN A 87 -42.25 20.23 -3.29
N THR A 88 -41.21 20.76 -2.63
CA THR A 88 -40.32 21.70 -3.30
C THR A 88 -39.41 21.01 -4.31
N VAL A 89 -38.90 19.82 -3.97
CA VAL A 89 -38.01 19.14 -4.89
C VAL A 89 -38.76 18.74 -6.16
N LEU A 90 -39.95 18.15 -6.00
CA LEU A 90 -40.78 17.82 -7.18
C LEU A 90 -41.16 19.06 -7.98
N LYS A 91 -41.34 20.22 -7.32
CA LYS A 91 -41.56 21.45 -8.06
C LYS A 91 -40.38 21.75 -8.99
N TYR A 92 -39.15 21.68 -8.46
CA TYR A 92 -37.99 21.91 -9.30
C TYR A 92 -37.89 20.88 -10.43
N TYR A 93 -38.23 19.63 -10.12
CA TYR A 93 -38.20 18.57 -11.13
C TYR A 93 -39.19 18.85 -12.26
N SER A 94 -40.44 19.16 -11.90
CA SER A 94 -41.48 19.40 -12.90
C SER A 94 -41.15 20.60 -13.78
N ASN A 95 -40.49 21.61 -13.23
CA ASN A 95 -40.12 22.80 -13.98
C ASN A 95 -38.75 22.67 -14.65
N ASP A 96 -38.15 21.47 -14.62
CA ASP A 96 -36.81 21.23 -15.15
C ASP A 96 -35.80 22.25 -14.63
N GLU A 97 -35.89 22.54 -13.33
CA GLU A 97 -34.95 23.41 -12.65
C GLU A 97 -33.97 22.66 -11.77
N LEU A 98 -34.14 21.34 -11.62
CA LEU A 98 -33.38 20.58 -10.61
C LEU A 98 -31.95 20.32 -11.03
N ALA A 99 -31.71 19.98 -12.29
CA ALA A 99 -30.35 19.69 -12.74
C ALA A 99 -29.42 20.87 -12.48
N GLY A 100 -29.89 22.09 -12.75
CA GLY A 100 -29.06 23.26 -12.53
C GLY A 100 -28.83 23.56 -11.06
N ILE A 101 -29.77 23.20 -10.20
CA ILE A 101 -29.63 23.45 -8.77
C ILE A 101 -28.55 22.56 -8.18
N VAL A 102 -28.56 21.27 -8.52
CA VAL A 102 -27.60 20.33 -7.93
C VAL A 102 -26.21 20.39 -8.54
N ASN A 103 -26.05 21.04 -9.70
CA ASN A 103 -24.73 21.25 -10.30
C ASN A 103 -24.14 22.60 -9.95
N GLU A 104 -24.84 23.39 -9.14
CA GLU A 104 -24.39 24.73 -8.78
C GLU A 104 -23.23 24.64 -7.79
N SER A 105 -22.10 25.25 -8.14
CA SER A 105 -20.94 25.25 -7.26
C SER A 105 -20.04 26.45 -7.51
N LYS A 106 -19.45 26.94 -6.42
CA LYS A 106 -18.41 27.95 -6.46
C LYS A 106 -17.12 27.42 -7.07
N TYR A 107 -16.95 26.09 -7.12
CA TYR A 107 -15.73 25.45 -7.61
C TYR A 107 -16.02 24.54 -8.80
N ASP A 108 -14.98 24.26 -9.59
CA ASP A 108 -15.12 23.31 -10.70
C ASP A 108 -15.43 21.90 -10.20
N TYR A 109 -14.77 21.45 -9.13
CA TYR A 109 -14.93 20.10 -8.61
C TYR A 109 -15.18 20.14 -7.10
N ASP A 110 -15.99 19.18 -6.62
CA ASP A 110 -16.08 18.97 -5.18
C ASP A 110 -14.77 18.42 -4.62
N LEU A 111 -14.07 17.58 -5.40
CA LEU A 111 -12.84 16.93 -4.97
C LEU A 111 -11.84 16.89 -6.12
N ILE A 112 -10.60 17.31 -5.87
CA ILE A 112 -9.48 17.07 -6.78
C ILE A 112 -8.48 16.18 -6.04
N VAL A 113 -8.20 15.01 -6.63
CA VAL A 113 -7.18 14.09 -6.12
C VAL A 113 -5.92 14.27 -6.97
N ILE A 114 -4.80 14.61 -6.32
CA ILE A 114 -3.51 14.70 -7.00
C ILE A 114 -2.79 13.39 -6.75
N GLY A 115 -2.72 12.53 -7.78
CA GLY A 115 -2.05 11.24 -7.71
C GLY A 115 -3.02 10.10 -7.95
N GLY A 116 -2.76 9.26 -8.96
CA GLY A 116 -3.67 8.19 -9.35
C GLY A 116 -3.13 6.79 -9.01
N GLY A 117 -2.72 6.62 -7.75
CA GLY A 117 -2.21 5.33 -7.30
C GLY A 117 -3.14 4.62 -6.32
N SER A 118 -2.58 3.83 -5.41
CA SER A 118 -3.39 3.01 -4.51
C SER A 118 -4.40 3.86 -3.71
N GLY A 119 -3.91 4.88 -3.00
CA GLY A 119 -4.80 5.71 -2.20
C GLY A 119 -5.70 6.61 -3.03
N GLY A 120 -5.15 7.26 -4.05
CA GLY A 120 -5.90 8.29 -4.78
C GLY A 120 -7.05 7.73 -5.60
N LEU A 121 -6.82 6.61 -6.28
CA LEU A 121 -7.90 5.97 -7.02
C LEU A 121 -9.00 5.48 -6.09
N ALA A 122 -8.63 4.94 -4.92
CA ALA A 122 -9.64 4.47 -3.99
C ALA A 122 -10.49 5.63 -3.47
N ALA A 123 -9.85 6.74 -3.11
CA ALA A 123 -10.57 7.90 -2.59
C ALA A 123 -11.49 8.49 -3.65
N GLY A 124 -11.01 8.60 -4.88
CA GLY A 124 -11.79 9.26 -5.92
C GLY A 124 -13.03 8.48 -6.31
N LYS A 125 -12.88 7.15 -6.49
CA LYS A 125 -14.05 6.34 -6.82
C LYS A 125 -15.08 6.37 -5.69
N GLU A 126 -14.61 6.34 -4.44
CA GLU A 126 -15.55 6.30 -3.31
C GLU A 126 -16.30 7.62 -3.17
N ALA A 127 -15.62 8.75 -3.39
CA ALA A 127 -16.28 10.05 -3.29
C ALA A 127 -17.34 10.20 -4.36
N ALA A 128 -17.06 9.75 -5.59
CA ALA A 128 -18.04 9.88 -6.67
C ALA A 128 -19.34 9.13 -6.35
N LYS A 129 -19.26 8.05 -5.56
CA LYS A 129 -20.46 7.31 -5.17
C LYS A 129 -21.53 8.19 -4.54
N TYR A 130 -21.13 9.24 -3.82
CA TYR A 130 -22.05 10.07 -3.06
C TYR A 130 -22.35 11.39 -3.76
N GLY A 131 -22.07 11.47 -5.06
CA GLY A 131 -22.41 12.64 -5.83
C GLY A 131 -21.37 13.73 -5.85
N ALA A 132 -20.18 13.49 -5.29
CA ALA A 132 -19.12 14.46 -5.38
C ALA A 132 -18.58 14.50 -6.81
N LYS A 133 -18.56 15.68 -7.41
CA LYS A 133 -17.94 15.85 -8.72
C LYS A 133 -16.42 15.80 -8.56
N THR A 134 -15.79 14.78 -9.14
CA THR A 134 -14.43 14.40 -8.79
C THR A 134 -13.51 14.38 -10.00
N ALA A 135 -12.28 14.87 -9.81
CA ALA A 135 -11.22 14.73 -10.80
C ALA A 135 -10.02 14.02 -10.17
N VAL A 136 -9.45 13.06 -10.90
CA VAL A 136 -8.21 12.38 -10.50
C VAL A 136 -7.11 12.75 -11.50
N LEU A 137 -5.99 13.27 -10.99
CA LEU A 137 -4.83 13.61 -11.79
C LEU A 137 -3.75 12.55 -11.62
N ASP A 138 -3.17 12.07 -12.72
CA ASP A 138 -2.03 11.17 -12.62
C ASP A 138 -1.01 11.44 -13.72
N TYR A 139 0.26 11.47 -13.34
CA TYR A 139 1.38 11.64 -14.26
C TYR A 139 2.55 10.84 -13.71
N VAL A 140 3.27 10.15 -14.59
CA VAL A 140 4.40 9.31 -14.21
C VAL A 140 5.67 9.92 -14.81
N GLU A 141 6.45 10.63 -13.99
CA GLU A 141 7.73 11.15 -14.43
C GLU A 141 8.65 9.99 -14.83
N PRO A 142 9.24 10.01 -16.02
CA PRO A 142 10.07 8.88 -16.45
C PRO A 142 11.34 8.73 -15.60
N THR A 143 11.85 7.50 -15.55
CA THR A 143 13.12 7.21 -14.88
C THR A 143 14.27 7.82 -15.67
N PRO A 144 15.49 7.86 -15.10
CA PRO A 144 16.63 8.38 -15.87
C PRO A 144 16.86 7.70 -17.22
N ILE A 145 16.58 6.40 -17.37
CA ILE A 145 16.76 5.75 -18.67
C ILE A 145 15.50 5.84 -19.54
N GLY A 146 14.41 6.44 -19.04
CA GLY A 146 13.22 6.68 -19.84
C GLY A 146 12.00 5.83 -19.53
N THR A 147 12.04 4.97 -18.52
CA THR A 147 10.93 4.07 -18.26
C THR A 147 9.71 4.83 -17.74
N THR A 148 8.53 4.51 -18.28
CA THR A 148 7.26 5.06 -17.83
C THR A 148 6.20 3.95 -17.90
N TRP A 149 5.00 4.23 -17.38
CA TRP A 149 3.95 3.23 -17.29
C TRP A 149 2.59 3.93 -17.14
N GLY A 150 1.54 3.11 -17.00
CA GLY A 150 0.17 3.60 -17.04
C GLY A 150 -0.46 3.83 -15.67
N LEU A 151 -1.78 4.05 -15.70
CA LEU A 151 -2.53 4.43 -14.50
C LEU A 151 -2.54 3.33 -13.44
N GLY A 152 -2.44 3.73 -12.17
CA GLY A 152 -2.56 2.74 -11.12
C GLY A 152 -1.59 2.87 -9.96
N GLY A 153 -0.47 3.57 -10.17
CA GLY A 153 0.49 3.82 -9.10
C GLY A 153 1.61 2.77 -8.99
N THR A 154 2.36 2.89 -7.87
CA THR A 154 3.58 2.10 -7.70
C THR A 154 3.31 0.61 -7.52
N CYS A 155 2.30 0.25 -6.72
CA CYS A 155 2.04 -1.16 -6.46
C CYS A 155 1.66 -1.88 -7.76
N VAL A 156 0.72 -1.29 -8.51
CA VAL A 156 0.19 -1.92 -9.72
C VAL A 156 1.29 -2.12 -10.76
N ASN A 157 2.10 -1.08 -11.01
CA ASN A 157 3.02 -1.05 -12.16
C ASN A 157 4.45 -1.49 -11.85
N VAL A 158 4.98 -1.13 -10.68
CA VAL A 158 6.41 -1.32 -10.39
C VAL A 158 6.62 -1.72 -8.93
N GLY A 159 5.65 -2.43 -8.37
CA GLY A 159 5.68 -2.80 -6.95
C GLY A 159 5.05 -4.16 -6.63
N CYS A 160 4.07 -4.19 -5.71
CA CYS A 160 3.56 -5.46 -5.17
C CYS A 160 3.17 -6.45 -6.28
N ILE A 161 2.50 -5.97 -7.33
CA ILE A 161 1.92 -6.89 -8.33
C ILE A 161 3.02 -7.56 -9.15
N PRO A 162 3.87 -6.83 -9.89
CA PRO A 162 4.93 -7.53 -10.65
C PRO A 162 5.95 -8.24 -9.77
N LYS A 163 6.25 -7.71 -8.57
CA LYS A 163 7.25 -8.38 -7.72
C LYS A 163 6.72 -9.73 -7.22
N LYS A 164 5.43 -9.82 -6.87
CA LYS A 164 4.93 -11.13 -6.42
C LYS A 164 4.77 -12.10 -7.59
N LEU A 165 4.50 -11.59 -8.81
CA LEU A 165 4.41 -12.49 -9.95
C LEU A 165 5.78 -13.06 -10.30
N MET A 166 6.85 -12.25 -10.17
CA MET A 166 8.18 -12.81 -10.41
C MET A 166 8.64 -13.71 -9.25
N HIS A 167 8.25 -13.38 -8.01
CA HIS A 167 8.43 -14.32 -6.90
C HIS A 167 7.77 -15.68 -7.19
N GLN A 168 6.54 -15.69 -7.73
CA GLN A 168 5.91 -16.97 -8.06
C GLN A 168 6.71 -17.72 -9.14
N ALA A 169 7.24 -17.01 -10.13
CA ALA A 169 8.08 -17.67 -11.12
C ALA A 169 9.28 -18.33 -10.46
N GLY A 170 9.86 -17.64 -9.47
CA GLY A 170 10.96 -18.22 -8.71
C GLY A 170 10.53 -19.43 -7.91
N LEU A 171 9.37 -19.36 -7.26
CA LEU A 171 8.87 -20.48 -6.48
C LEU A 171 8.67 -21.71 -7.35
N LEU A 172 8.25 -21.52 -8.61
CA LEU A 172 7.98 -22.66 -9.46
C LEU A 172 9.25 -23.45 -9.80
N SER A 173 10.43 -22.84 -9.68
CA SER A 173 11.67 -23.60 -9.83
C SER A 173 11.73 -24.73 -8.82
N HIS A 174 11.34 -24.46 -7.58
CA HIS A 174 11.43 -25.50 -6.56
C HIS A 174 10.24 -26.47 -6.63
N ALA A 175 9.08 -25.99 -7.11
CA ALA A 175 8.01 -26.90 -7.45
C ALA A 175 8.45 -27.94 -8.49
N LEU A 176 9.23 -27.53 -9.48
CA LEU A 176 9.73 -28.44 -10.50
C LEU A 176 10.67 -29.50 -9.90
N GLU A 177 11.58 -29.09 -9.00
CA GLU A 177 12.45 -30.05 -8.32
C GLU A 177 11.63 -31.03 -7.48
N ASP A 178 10.67 -30.50 -6.72
CA ASP A 178 9.85 -31.35 -5.85
C ASP A 178 9.05 -32.38 -6.65
N ALA A 179 8.65 -32.03 -7.87
CA ALA A 179 7.76 -32.91 -8.62
C ALA A 179 8.39 -34.27 -8.88
N GLU A 180 9.72 -34.34 -9.03
CA GLU A 180 10.36 -35.64 -9.27
C GLU A 180 10.15 -36.57 -8.07
N HIS A 181 10.32 -36.06 -6.86
CA HIS A 181 10.17 -36.88 -5.68
C HIS A 181 8.74 -37.38 -5.47
N PHE A 182 7.75 -36.62 -5.93
CA PHE A 182 6.35 -37.02 -5.82
C PHE A 182 5.89 -37.89 -6.99
N GLY A 183 6.81 -38.29 -7.88
CA GLY A 183 6.52 -39.29 -8.91
C GLY A 183 6.43 -38.79 -10.35
N TRP A 184 6.61 -37.50 -10.61
CA TRP A 184 6.49 -37.01 -11.99
C TRP A 184 7.79 -37.21 -12.76
N SER A 185 7.67 -37.40 -14.09
CA SER A 185 8.78 -37.91 -14.90
C SER A 185 9.74 -36.83 -15.41
N LEU A 186 9.57 -35.57 -15.02
CA LEU A 186 10.44 -34.52 -15.54
C LEU A 186 11.86 -34.62 -14.98
N ASP A 187 12.80 -33.97 -15.67
CA ASP A 187 14.19 -33.86 -15.24
C ASP A 187 14.50 -32.37 -15.10
N ARG A 188 14.52 -31.88 -13.86
CA ARG A 188 14.69 -30.45 -13.60
C ARG A 188 16.00 -29.90 -14.15
N SER A 189 17.07 -30.70 -14.17
CA SER A 189 18.35 -30.18 -14.62
C SER A 189 18.37 -29.83 -16.10
N LYS A 190 17.35 -30.23 -16.86
CA LYS A 190 17.29 -29.91 -18.29
C LYS A 190 16.30 -28.82 -18.62
N ILE A 191 15.76 -28.11 -17.61
CA ILE A 191 14.78 -27.05 -17.80
C ILE A 191 15.44 -25.72 -17.49
N SER A 192 15.17 -24.72 -18.32
CA SER A 192 15.71 -23.38 -18.19
C SER A 192 14.56 -22.37 -18.20
N HIS A 193 14.89 -21.12 -17.88
CA HIS A 193 13.92 -20.04 -17.78
C HIS A 193 14.18 -18.96 -18.84
N ASN A 194 13.09 -18.42 -19.40
CA ASN A 194 13.13 -17.36 -20.41
C ASN A 194 12.57 -16.08 -19.79
N TRP A 195 13.47 -15.14 -19.47
CA TRP A 195 13.09 -13.88 -18.83
C TRP A 195 12.09 -13.10 -19.69
N SER A 196 12.37 -12.96 -20.98
CA SER A 196 11.49 -12.12 -21.79
C SER A 196 10.07 -12.70 -21.88
N THR A 197 9.92 -14.02 -21.87
CA THR A 197 8.58 -14.61 -21.85
C THR A 197 7.85 -14.26 -20.56
N MET A 198 8.54 -14.29 -19.42
CA MET A 198 7.87 -14.00 -18.16
C MET A 198 7.49 -12.52 -18.10
N VAL A 199 8.39 -11.64 -18.57
CA VAL A 199 8.11 -10.20 -18.54
C VAL A 199 6.91 -9.86 -19.41
N GLU A 200 6.81 -10.48 -20.59
CA GLU A 200 5.65 -10.22 -21.45
C GLU A 200 4.34 -10.58 -20.76
N GLY A 201 4.34 -11.71 -20.02
CA GLY A 201 3.13 -12.12 -19.33
C GLY A 201 2.78 -11.22 -18.16
N VAL A 202 3.80 -10.85 -17.37
CA VAL A 202 3.59 -9.88 -16.28
C VAL A 202 3.05 -8.55 -16.82
N GLN A 203 3.66 -8.02 -17.89
CA GLN A 203 3.24 -6.72 -18.44
C GLN A 203 1.85 -6.80 -19.08
N SER A 204 1.46 -7.95 -19.61
CA SER A 204 0.10 -8.09 -20.13
C SER A 204 -0.92 -7.96 -19.01
N HIS A 205 -0.63 -8.55 -17.84
CA HIS A 205 -1.53 -8.38 -16.70
C HIS A 205 -1.56 -6.93 -16.23
N ILE A 206 -0.40 -6.28 -16.10
CA ILE A 206 -0.37 -4.88 -15.69
C ILE A 206 -1.18 -4.02 -16.65
N GLY A 207 -1.10 -4.31 -17.95
CA GLY A 207 -1.85 -3.53 -18.92
C GLY A 207 -3.35 -3.69 -18.76
N SER A 208 -3.80 -4.89 -18.38
CA SER A 208 -5.22 -5.08 -18.10
C SER A 208 -5.66 -4.29 -16.87
N LEU A 209 -4.76 -4.09 -15.90
CA LEU A 209 -5.09 -3.25 -14.74
C LEU A 209 -5.13 -1.77 -15.11
N ASN A 210 -4.15 -1.29 -15.91
CA ASN A 210 -4.20 0.10 -16.39
C ASN A 210 -5.55 0.39 -17.03
N TRP A 211 -5.98 -0.50 -17.94
CA TRP A 211 -7.23 -0.31 -18.66
C TRP A 211 -8.43 -0.41 -17.73
N GLY A 212 -8.37 -1.35 -16.78
CA GLY A 212 -9.47 -1.51 -15.84
C GLY A 212 -9.72 -0.27 -15.01
N TYR A 213 -8.65 0.40 -14.58
CA TYR A 213 -8.84 1.62 -13.79
C TYR A 213 -9.45 2.73 -14.66
N LYS A 214 -9.02 2.85 -15.92
CA LYS A 214 -9.61 3.88 -16.76
C LYS A 214 -11.09 3.62 -16.99
N VAL A 215 -11.47 2.35 -17.23
CA VAL A 215 -12.89 1.99 -17.37
C VAL A 215 -13.65 2.31 -16.10
N ALA A 216 -13.06 2.01 -14.94
CA ALA A 216 -13.74 2.22 -13.66
C ALA A 216 -14.03 3.69 -13.41
N LEU A 217 -13.06 4.57 -13.69
CA LEU A 217 -13.28 6.00 -13.51
C LEU A 217 -14.34 6.52 -14.45
N ARG A 218 -14.30 6.09 -15.72
CA ARG A 218 -15.31 6.53 -16.68
C ARG A 218 -16.71 6.11 -16.23
N ASP A 219 -16.86 4.87 -15.75
CA ASP A 219 -18.17 4.38 -15.33
C ASP A 219 -18.66 4.98 -14.00
N ASN A 220 -17.79 5.61 -13.22
CA ASN A 220 -18.18 6.33 -12.02
C ASN A 220 -18.28 7.84 -12.24
N GLN A 221 -18.24 8.31 -13.50
CA GLN A 221 -18.29 9.72 -13.85
C GLN A 221 -17.19 10.55 -13.19
N VAL A 222 -16.01 9.95 -13.00
CA VAL A 222 -14.82 10.65 -12.54
C VAL A 222 -14.03 11.16 -13.74
N THR A 223 -13.60 12.42 -13.68
CA THR A 223 -12.73 12.96 -14.72
C THR A 223 -11.29 12.54 -14.46
N TYR A 224 -10.68 11.85 -15.44
CA TYR A 224 -9.28 11.45 -15.37
C TYR A 224 -8.46 12.35 -16.30
N LEU A 225 -7.49 13.07 -15.71
CA LEU A 225 -6.57 13.90 -16.46
C LEU A 225 -5.16 13.34 -16.31
N ASN A 226 -4.55 12.92 -17.43
CA ASN A 226 -3.16 12.45 -17.45
C ASN A 226 -2.26 13.70 -17.53
N ALA A 227 -2.12 14.37 -16.38
CA ALA A 227 -1.42 15.65 -16.31
C ALA A 227 -0.78 15.82 -14.95
N LYS A 228 0.27 16.63 -14.90
CA LYS A 228 0.99 16.90 -13.66
C LYS A 228 0.30 18.03 -12.90
N GLY A 229 -0.02 17.80 -11.63
CA GLY A 229 -0.75 18.76 -10.81
C GLY A 229 0.14 19.44 -9.78
N ARG A 230 -0.17 20.71 -9.50
CA ARG A 230 0.56 21.50 -8.51
C ARG A 230 -0.45 22.36 -7.75
N LEU A 231 -0.45 22.24 -6.42
CA LEU A 231 -1.34 23.05 -5.59
C LEU A 231 -0.69 24.41 -5.38
N ILE A 232 -1.31 25.47 -5.91
CA ILE A 232 -0.75 26.82 -5.85
C ILE A 232 -1.50 27.72 -4.86
N SER A 233 -2.68 27.32 -4.41
CA SER A 233 -3.38 27.95 -3.30
C SER A 233 -4.35 26.92 -2.76
N PRO A 234 -4.99 27.18 -1.60
CA PRO A 234 -5.83 26.14 -0.99
C PRO A 234 -6.86 25.49 -1.93
N HIS A 235 -7.45 26.24 -2.86
CA HIS A 235 -8.48 25.68 -3.72
C HIS A 235 -8.09 25.66 -5.20
N GLU A 236 -6.86 26.02 -5.57
CA GLU A 236 -6.45 26.11 -6.98
C GLU A 236 -5.36 25.11 -7.30
N VAL A 237 -5.57 24.32 -8.35
CA VAL A 237 -4.59 23.33 -8.82
C VAL A 237 -4.20 23.68 -10.25
N GLN A 238 -2.91 23.92 -10.46
CA GLN A 238 -2.37 24.15 -11.79
C GLN A 238 -1.99 22.81 -12.43
N ILE A 239 -2.45 22.56 -13.64
CA ILE A 239 -2.18 21.31 -14.36
C ILE A 239 -1.38 21.60 -15.62
N THR A 240 -0.51 20.65 -15.97
CA THR A 240 0.29 20.70 -17.18
C THR A 240 0.12 19.38 -17.93
N ASP A 241 -0.32 19.45 -19.19
CA ASP A 241 -0.69 18.26 -19.96
C ASP A 241 0.48 17.82 -20.86
N LYS A 242 0.22 16.81 -21.70
CA LYS A 242 1.25 16.21 -22.54
C LYS A 242 1.74 17.14 -23.64
N ASN A 243 1.07 18.28 -23.85
CA ASN A 243 1.51 19.27 -24.82
C ASN A 243 2.09 20.51 -24.15
N GLN A 244 2.39 20.42 -22.86
CA GLN A 244 2.91 21.53 -22.05
C GLN A 244 1.90 22.66 -21.90
N LYS A 245 0.62 22.42 -22.20
CA LYS A 245 -0.40 23.43 -21.95
C LYS A 245 -0.67 23.52 -20.45
N VAL A 246 -0.69 24.75 -19.93
CA VAL A 246 -0.81 24.99 -18.50
C VAL A 246 -2.12 25.70 -18.24
N SER A 247 -2.90 25.18 -17.29
CA SER A 247 -4.19 25.79 -16.93
C SER A 247 -4.43 25.56 -15.44
N THR A 248 -5.56 26.08 -14.95
CA THR A 248 -5.92 26.03 -13.54
C THR A 248 -7.34 25.50 -13.40
N ILE A 249 -7.54 24.57 -12.44
CA ILE A 249 -8.86 24.08 -12.06
C ILE A 249 -9.01 24.28 -10.55
N THR A 250 -10.25 24.44 -10.10
CA THR A 250 -10.53 24.71 -8.69
C THR A 250 -11.35 23.58 -8.08
N GLY A 251 -11.17 23.38 -6.78
CA GLY A 251 -11.86 22.31 -6.07
C GLY A 251 -12.12 22.69 -4.63
N ASN A 252 -13.24 22.20 -4.10
CA ASN A 252 -13.55 22.42 -2.69
C ASN A 252 -12.55 21.69 -1.78
N LYS A 253 -12.57 20.36 -1.80
CA LYS A 253 -11.62 19.55 -1.03
C LYS A 253 -10.49 19.06 -1.93
N ILE A 254 -9.28 18.97 -1.38
CA ILE A 254 -8.10 18.48 -2.10
C ILE A 254 -7.52 17.29 -1.36
N ILE A 255 -7.22 16.20 -2.08
CA ILE A 255 -6.48 15.08 -1.49
C ILE A 255 -5.14 14.96 -2.20
N LEU A 256 -4.05 15.05 -1.42
CA LEU A 256 -2.69 14.80 -1.92
C LEU A 256 -2.36 13.31 -1.75
N ALA A 257 -1.98 12.66 -2.84
CA ALA A 257 -1.78 11.20 -2.89
C ALA A 257 -0.71 10.86 -3.92
N THR A 258 0.42 11.57 -3.89
CA THR A 258 1.43 11.51 -4.95
C THR A 258 2.55 10.49 -4.70
N GLY A 259 2.60 9.84 -3.55
CA GLY A 259 3.58 8.76 -3.38
C GLY A 259 5.04 9.18 -3.35
N GLU A 260 5.92 8.20 -3.60
CA GLU A 260 7.38 8.36 -3.53
C GLU A 260 8.04 7.74 -4.77
N ARG A 261 9.33 8.00 -4.94
CA ARG A 261 10.13 7.36 -5.99
C ARG A 261 11.48 6.93 -5.41
N PRO A 262 12.19 6.02 -6.09
CA PRO A 262 13.46 5.51 -5.55
C PRO A 262 14.56 6.57 -5.44
N LYS A 263 15.38 6.44 -4.39
CA LYS A 263 16.59 7.23 -4.23
C LYS A 263 17.80 6.57 -4.91
N TYR A 264 18.79 7.42 -5.27
CA TYR A 264 20.10 6.96 -5.73
C TYR A 264 21.18 7.46 -4.76
N PRO A 265 22.23 6.68 -4.55
CA PRO A 265 23.37 7.19 -3.78
C PRO A 265 24.09 8.28 -4.56
N GLU A 266 24.73 9.20 -3.83
CA GLU A 266 25.45 10.32 -4.45
C GLU A 266 26.88 9.90 -4.77
N ILE A 267 27.00 9.08 -5.82
CA ILE A 267 28.31 8.59 -6.27
C ILE A 267 28.38 8.65 -7.79
N PRO A 268 29.60 8.78 -8.33
CA PRO A 268 29.76 8.80 -9.79
C PRO A 268 29.24 7.51 -10.43
N GLY A 269 28.49 7.68 -11.53
CA GLY A 269 28.03 6.58 -12.34
C GLY A 269 26.72 5.93 -11.91
N ALA A 270 26.18 6.30 -10.75
CA ALA A 270 24.99 5.61 -10.24
C ALA A 270 23.77 5.87 -11.13
N VAL A 271 23.47 7.15 -11.41
CA VAL A 271 22.31 7.49 -12.21
C VAL A 271 22.52 7.10 -13.66
N GLU A 272 23.76 7.23 -14.16
CA GLU A 272 24.06 6.94 -15.55
C GLU A 272 23.97 5.44 -15.85
N TYR A 273 24.49 4.59 -14.96
CA TYR A 273 24.72 3.20 -15.34
C TYR A 273 23.94 2.18 -14.52
N GLY A 274 23.40 2.55 -13.34
CA GLY A 274 22.56 1.66 -12.56
C GLY A 274 21.08 1.79 -12.92
N ILE A 275 20.27 0.93 -12.29
CA ILE A 275 18.82 0.96 -12.44
C ILE A 275 18.20 0.82 -11.05
N THR A 276 16.88 0.98 -10.98
CA THR A 276 16.12 0.74 -9.75
C THR A 276 14.97 -0.23 -10.04
N SER A 277 14.16 -0.49 -9.00
CA SER A 277 12.99 -1.34 -9.18
C SER A 277 12.03 -0.78 -10.22
N ASP A 278 12.01 0.55 -10.39
CA ASP A 278 11.16 1.16 -11.42
C ASP A 278 11.48 0.61 -12.80
N ASP A 279 12.74 0.24 -13.06
CA ASP A 279 13.13 -0.24 -14.39
C ASP A 279 13.11 -1.75 -14.48
N LEU A 280 13.26 -2.44 -13.34
CA LEU A 280 13.46 -3.90 -13.37
C LEU A 280 12.26 -4.64 -13.95
N PHE A 281 11.03 -4.22 -13.60
CA PHE A 281 9.87 -5.04 -13.89
C PHE A 281 9.43 -5.00 -15.35
N SER A 282 9.99 -4.09 -16.18
CA SER A 282 9.76 -4.12 -17.62
C SER A 282 11.05 -4.29 -18.41
N LEU A 283 12.13 -4.71 -17.77
CA LEU A 283 13.43 -4.78 -18.45
C LEU A 283 13.38 -5.75 -19.63
N PRO A 284 13.79 -5.33 -20.83
CA PRO A 284 13.67 -6.23 -22.00
C PRO A 284 14.65 -7.39 -22.02
N TYR A 285 15.76 -7.32 -21.27
CA TYR A 285 16.77 -8.37 -21.21
C TYR A 285 16.95 -8.87 -19.78
N PHE A 286 17.44 -10.10 -19.64
CA PHE A 286 17.75 -10.64 -18.32
C PHE A 286 18.93 -9.87 -17.74
N PRO A 287 18.86 -9.44 -16.49
CA PRO A 287 19.94 -8.64 -15.91
C PRO A 287 21.32 -9.30 -15.94
N GLY A 288 21.39 -10.64 -15.98
CA GLY A 288 22.69 -11.31 -15.95
C GLY A 288 23.29 -11.31 -14.55
N LYS A 289 24.63 -11.33 -14.48
CA LYS A 289 25.32 -11.15 -13.20
C LYS A 289 24.97 -9.78 -12.61
N THR A 290 24.35 -9.80 -11.42
CA THR A 290 23.67 -8.65 -10.84
C THR A 290 24.20 -8.36 -9.43
N LEU A 291 24.44 -7.08 -9.15
CA LEU A 291 24.68 -6.59 -7.80
C LEU A 291 23.46 -5.78 -7.36
N VAL A 292 22.92 -6.11 -6.19
CA VAL A 292 21.84 -5.33 -5.56
C VAL A 292 22.47 -4.57 -4.41
N ILE A 293 22.39 -3.24 -4.43
CA ILE A 293 22.92 -2.40 -3.36
C ILE A 293 21.78 -1.99 -2.45
N GLY A 294 21.84 -2.42 -1.19
CA GLY A 294 20.79 -2.18 -0.22
C GLY A 294 20.37 -3.47 0.48
N ALA A 295 19.53 -3.29 1.52
CA ALA A 295 19.15 -4.44 2.34
C ALA A 295 17.71 -4.34 2.86
N SER A 296 16.88 -3.53 2.22
CA SER A 296 15.45 -3.41 2.52
C SER A 296 14.69 -4.62 1.99
N TYR A 297 13.38 -4.65 2.26
CA TYR A 297 12.59 -5.75 1.71
C TYR A 297 12.57 -5.71 0.18
N VAL A 298 12.66 -4.51 -0.44
CA VAL A 298 12.74 -4.46 -1.90
C VAL A 298 14.03 -5.13 -2.37
N ALA A 299 15.16 -4.82 -1.73
CA ALA A 299 16.43 -5.40 -2.14
C ALA A 299 16.42 -6.92 -2.04
N LEU A 300 15.95 -7.47 -0.91
CA LEU A 300 16.04 -8.90 -0.70
C LEU A 300 15.02 -9.66 -1.55
N GLU A 301 13.82 -9.10 -1.73
CA GLU A 301 12.83 -9.75 -2.59
C GLU A 301 13.34 -9.86 -4.02
N CYS A 302 13.91 -8.78 -4.56
CA CYS A 302 14.43 -8.80 -5.93
C CYS A 302 15.63 -9.73 -6.08
N ALA A 303 16.59 -9.67 -5.14
CA ALA A 303 17.73 -10.59 -5.21
C ALA A 303 17.26 -12.03 -5.15
N GLY A 304 16.24 -12.30 -4.33
CA GLY A 304 15.75 -13.65 -4.15
C GLY A 304 15.17 -14.26 -5.42
N PHE A 305 14.26 -13.54 -6.11
CA PHE A 305 13.69 -14.17 -7.30
C PHE A 305 14.70 -14.19 -8.45
N LEU A 306 15.60 -13.20 -8.54
CA LEU A 306 16.63 -13.26 -9.58
C LEU A 306 17.49 -14.51 -9.45
N ALA A 307 17.84 -14.90 -8.22
CA ALA A 307 18.65 -16.11 -8.03
C ALA A 307 17.87 -17.37 -8.39
N SER A 308 16.59 -17.43 -8.00
CA SER A 308 15.77 -18.60 -8.32
C SER A 308 15.55 -18.76 -9.83
N LEU A 309 15.65 -17.68 -10.59
CA LEU A 309 15.51 -17.72 -12.05
C LEU A 309 16.84 -17.97 -12.74
N GLY A 310 17.87 -18.36 -12.00
CA GLY A 310 19.14 -18.73 -12.58
C GLY A 310 20.18 -17.64 -12.64
N GLY A 311 20.03 -16.57 -11.88
CA GLY A 311 20.99 -15.48 -11.91
C GLY A 311 22.11 -15.62 -10.89
N ASP A 312 23.25 -15.03 -11.22
CA ASP A 312 24.39 -14.89 -10.32
C ASP A 312 24.23 -13.56 -9.60
N VAL A 313 23.84 -13.60 -8.31
CA VAL A 313 23.37 -12.41 -7.58
C VAL A 313 24.22 -12.17 -6.33
N THR A 314 24.60 -10.91 -6.10
CA THR A 314 25.25 -10.46 -4.88
C THR A 314 24.48 -9.29 -4.28
N VAL A 315 24.37 -9.26 -2.95
CA VAL A 315 23.74 -8.15 -2.22
C VAL A 315 24.81 -7.46 -1.38
N MET A 316 24.94 -6.12 -1.54
CA MET A 316 25.86 -5.30 -0.75
C MET A 316 25.11 -4.67 0.41
N VAL A 317 25.47 -5.04 1.65
CA VAL A 317 24.75 -4.64 2.86
C VAL A 317 25.60 -3.63 3.64
N ARG A 318 25.09 -2.42 3.83
CA ARG A 318 25.86 -1.40 4.55
C ARG A 318 26.03 -1.76 6.03
N SER A 319 24.95 -2.15 6.70
CA SER A 319 25.01 -2.53 8.11
C SER A 319 24.24 -3.82 8.38
N ILE A 320 22.91 -3.75 8.45
CA ILE A 320 22.07 -4.90 8.80
C ILE A 320 21.02 -5.14 7.73
N LEU A 321 20.41 -6.33 7.77
CA LEU A 321 19.28 -6.68 6.92
C LEU A 321 17.97 -6.23 7.55
N LEU A 322 17.05 -5.72 6.73
CA LEU A 322 15.68 -5.42 7.15
C LEU A 322 15.63 -4.56 8.42
N ARG A 323 16.38 -3.46 8.41
CA ARG A 323 16.31 -2.51 9.52
C ARG A 323 14.86 -2.14 9.84
N GLY A 324 14.52 -2.21 11.14
CA GLY A 324 13.17 -1.95 11.60
C GLY A 324 12.33 -3.19 11.83
N PHE A 325 12.70 -4.33 11.22
CA PHE A 325 12.06 -5.62 11.48
C PHE A 325 12.82 -6.38 12.55
N ASP A 326 12.14 -7.36 13.18
CA ASP A 326 12.75 -8.25 14.16
C ASP A 326 14.05 -8.86 13.63
N GLN A 327 15.17 -8.62 14.34
CA GLN A 327 16.46 -8.97 13.76
C GLN A 327 16.84 -10.45 13.85
N GLN A 328 16.29 -11.19 14.82
CA GLN A 328 16.40 -12.64 14.77
C GLN A 328 15.77 -13.17 13.49
N MET A 329 14.55 -12.72 13.18
CA MET A 329 13.89 -13.14 11.95
C MET A 329 14.64 -12.68 10.70
N ALA A 330 15.16 -11.45 10.70
CA ALA A 330 15.89 -10.94 9.54
C ALA A 330 17.12 -11.80 9.26
N GLU A 331 17.82 -12.25 10.31
CA GLU A 331 19.00 -13.09 10.12
C GLU A 331 18.62 -14.46 9.58
N LYS A 332 17.49 -15.02 10.00
CA LYS A 332 17.06 -16.31 9.46
C LYS A 332 16.68 -16.19 7.99
N VAL A 333 16.05 -15.07 7.62
CA VAL A 333 15.70 -14.81 6.21
C VAL A 333 16.97 -14.80 5.36
N GLY A 334 18.00 -14.08 5.82
CA GLY A 334 19.22 -13.94 5.04
C GLY A 334 20.03 -15.22 5.00
N ASP A 335 20.07 -15.95 6.12
CA ASP A 335 20.78 -17.24 6.12
C ASP A 335 20.18 -18.21 5.12
N TYR A 336 18.84 -18.22 4.99
CA TYR A 336 18.22 -19.11 4.01
C TYR A 336 18.64 -18.71 2.60
N MET A 337 18.61 -17.41 2.30
CA MET A 337 19.04 -16.92 0.97
C MET A 337 20.49 -17.28 0.68
N GLU A 338 21.39 -17.11 1.66
CA GLU A 338 22.79 -17.42 1.44
C GLU A 338 23.02 -18.92 1.22
N ASN A 339 22.24 -19.78 1.88
CA ASN A 339 22.37 -21.22 1.67
C ASN A 339 21.74 -21.66 0.35
N HIS A 340 20.94 -20.82 -0.28
CA HIS A 340 20.21 -21.16 -1.51
C HIS A 340 20.57 -20.21 -2.66
N GLY A 341 21.84 -19.81 -2.74
CA GLY A 341 22.39 -19.24 -3.96
C GLY A 341 22.51 -17.73 -4.06
N VAL A 342 22.37 -16.97 -2.97
CA VAL A 342 22.60 -15.53 -2.97
C VAL A 342 23.88 -15.23 -2.20
N LYS A 343 24.77 -14.43 -2.79
CA LYS A 343 25.98 -14.00 -2.09
C LYS A 343 25.77 -12.64 -1.43
N PHE A 344 26.49 -12.43 -0.31
CA PHE A 344 26.36 -11.21 0.47
C PHE A 344 27.73 -10.57 0.69
N ALA A 345 27.82 -9.27 0.44
CA ALA A 345 29.00 -8.47 0.77
C ALA A 345 28.63 -7.59 1.97
N LYS A 346 29.04 -8.01 3.15
CA LYS A 346 28.54 -7.45 4.41
C LYS A 346 29.41 -6.28 4.89
N LEU A 347 28.76 -5.27 5.47
CA LEU A 347 29.43 -4.09 6.04
C LEU A 347 30.19 -3.32 4.95
N CYS A 348 29.51 -3.06 3.82
CA CYS A 348 30.15 -2.57 2.61
C CYS A 348 29.27 -1.54 1.91
N VAL A 349 29.90 -0.51 1.33
CA VAL A 349 29.16 0.52 0.57
C VAL A 349 29.90 0.82 -0.72
N PRO A 350 29.17 1.30 -1.74
CA PRO A 350 29.79 1.60 -3.04
C PRO A 350 30.39 2.99 -3.10
N ASP A 351 31.49 3.11 -3.86
CA ASP A 351 32.13 4.42 -4.06
C ASP A 351 31.97 4.91 -5.51
N ILE A 353 30.58 3.64 -9.88
CA ILE A 353 30.24 2.76 -10.99
C ILE A 353 30.90 3.24 -12.30
N LYS A 354 31.72 2.38 -12.91
CA LYS A 354 32.38 2.71 -14.17
C LYS A 354 31.84 1.82 -15.28
N GLN A 355 31.61 2.42 -16.45
CA GLN A 355 31.02 1.71 -17.57
C GLN A 355 32.09 1.03 -18.41
N LEU A 356 31.94 -0.27 -18.62
CA LEU A 356 32.83 -1.05 -19.48
C LEU A 356 32.20 -1.42 -20.83
N LYS A 357 30.88 -1.62 -20.87
CA LYS A 357 30.13 -1.88 -22.10
C LYS A 357 28.77 -1.20 -22.02
N VAL A 358 28.34 -0.60 -23.14
CA VAL A 358 27.02 0.02 -23.23
C VAL A 358 25.98 -1.08 -23.46
N VAL A 359 24.77 -0.88 -22.88
CA VAL A 359 23.67 -1.79 -23.12
C VAL A 359 23.39 -1.93 -24.62
N ASP A 360 23.18 -3.17 -25.07
CA ASP A 360 22.95 -3.50 -26.48
C ASP A 360 21.44 -3.68 -26.69
N THR A 361 20.76 -2.58 -27.03
CA THR A 361 19.31 -2.60 -27.12
C THR A 361 18.80 -3.35 -28.34
N GLU A 362 19.59 -3.42 -29.41
CA GLU A 362 19.13 -4.09 -30.62
C GLU A 362 19.14 -5.61 -30.45
N ASN A 363 20.22 -6.16 -29.90
CA ASN A 363 20.36 -7.58 -29.64
C ASN A 363 19.96 -7.98 -28.22
N ASN A 364 19.44 -7.03 -27.43
CA ASN A 364 18.75 -7.33 -26.19
C ASN A 364 19.68 -7.98 -25.16
N LYS A 365 20.77 -7.27 -24.84
CA LYS A 365 21.78 -7.73 -23.90
C LYS A 365 22.16 -6.59 -22.96
N PRO A 366 22.45 -6.90 -21.71
CA PRO A 366 22.94 -5.86 -20.79
C PRO A 366 24.34 -5.42 -21.18
N GLY A 367 24.79 -4.33 -20.56
CA GLY A 367 26.16 -3.89 -20.67
C GLY A 367 27.07 -4.62 -19.69
N LEU A 368 28.10 -3.92 -19.23
CA LEU A 368 29.06 -4.43 -18.26
C LEU A 368 29.63 -3.25 -17.46
N LEU A 369 29.76 -3.44 -16.15
CA LEU A 369 30.10 -2.37 -15.22
C LEU A 369 31.19 -2.82 -14.26
N LEU A 370 32.02 -1.87 -13.82
CA LEU A 370 33.00 -2.10 -12.76
C LEU A 370 32.56 -1.33 -11.52
N VAL A 371 32.32 -2.04 -10.42
CA VAL A 371 31.90 -1.42 -9.16
C VAL A 371 33.07 -1.40 -8.18
N LYS A 372 33.33 -0.21 -7.61
CA LYS A 372 34.32 -0.04 -6.55
C LYS A 372 33.64 0.41 -5.26
N GLY A 373 34.06 -0.16 -4.13
CA GLY A 373 33.52 0.20 -2.83
C GLY A 373 34.51 -0.11 -1.72
N HIS A 374 34.03 -0.01 -0.47
CA HIS A 374 34.89 -0.33 0.67
C HIS A 374 34.08 -0.84 1.86
N TYR A 375 34.73 -1.68 2.66
CA TYR A 375 34.18 -2.21 3.90
C TYR A 375 34.46 -1.26 5.07
N THR A 376 33.71 -1.44 6.17
CA THR A 376 33.78 -0.47 7.27
C THR A 376 35.16 -0.44 7.92
N ASP A 377 35.96 -1.49 7.75
CA ASP A 377 37.31 -1.49 8.31
C ASP A 377 38.32 -0.82 7.39
N GLY A 378 37.91 -0.44 6.18
CA GLY A 378 38.78 0.23 5.24
C GLY A 378 39.19 -0.61 4.05
N LYS A 379 39.01 -1.93 4.12
CA LYS A 379 39.40 -2.80 3.02
C LYS A 379 38.57 -2.49 1.77
N LYS A 380 39.12 -2.86 0.59
CA LYS A 380 38.56 -2.50 -0.70
C LYS A 380 37.64 -3.57 -1.27
N PHE A 381 36.62 -3.12 -2.00
CA PHE A 381 35.75 -3.96 -2.83
C PHE A 381 35.94 -3.55 -4.30
N GLU A 382 36.11 -4.53 -5.18
CA GLU A 382 36.17 -4.25 -6.62
C GLU A 382 35.74 -5.49 -7.39
N GLU A 383 34.69 -5.37 -8.21
CA GLU A 383 34.14 -6.51 -8.96
C GLU A 383 33.29 -6.01 -10.13
N GLU A 384 33.21 -6.84 -11.19
CA GLU A 384 32.44 -6.55 -12.41
C GLU A 384 31.03 -7.19 -12.36
N PHE A 385 30.03 -6.45 -12.85
CA PHE A 385 28.64 -6.90 -12.93
C PHE A 385 28.02 -6.45 -14.24
N GLU A 386 27.00 -7.18 -14.70
CA GLU A 386 26.27 -6.77 -15.89
C GLU A 386 25.18 -5.74 -15.57
N THR A 387 24.54 -5.88 -14.40
CA THR A 387 23.47 -4.99 -13.93
C THR A 387 23.71 -4.62 -12.48
N VAL A 388 23.47 -3.36 -12.14
CA VAL A 388 23.54 -2.89 -10.75
C VAL A 388 22.21 -2.26 -10.41
N ILE A 389 21.53 -2.79 -9.40
CA ILE A 389 20.22 -2.32 -8.96
C ILE A 389 20.36 -1.63 -7.61
N PHE A 390 19.92 -0.38 -7.51
CA PHE A 390 19.93 0.36 -6.26
C PHE A 390 18.59 0.23 -5.56
N ALA A 391 18.61 -0.24 -4.32
CA ALA A 391 17.43 -0.28 -3.46
C ALA A 391 17.84 0.31 -2.10
N VAL A 392 18.01 1.64 -2.07
CA VAL A 392 18.53 2.37 -0.92
C VAL A 392 17.52 3.40 -0.42
N GLY A 393 16.24 3.08 -0.49
CA GLY A 393 15.20 3.92 0.08
C GLY A 393 14.38 4.64 -1.00
N ARG A 394 13.29 5.26 -0.53
CA ARG A 394 12.36 6.01 -1.36
C ARG A 394 12.00 7.32 -0.66
N GLU A 395 11.61 8.32 -1.45
CA GLU A 395 11.32 9.65 -0.90
C GLU A 395 10.29 10.38 -1.76
N PRO A 396 9.51 11.29 -1.17
CA PRO A 396 8.64 12.17 -1.97
C PRO A 396 9.43 13.37 -2.47
N GLN A 397 8.84 14.07 -3.43
CA GLN A 397 9.41 15.33 -3.90
C GLN A 397 8.28 16.36 -3.90
N LEU A 398 7.80 16.69 -2.71
CA LEU A 398 6.61 17.54 -2.62
C LEU A 398 6.88 18.97 -3.06
N SER A 399 8.15 19.39 -3.13
CA SER A 399 8.42 20.72 -3.69
C SER A 399 7.89 20.84 -5.11
N LYS A 400 7.84 19.72 -5.84
CA LYS A 400 7.25 19.70 -7.18
C LYS A 400 5.73 19.73 -7.14
N VAL A 401 5.11 19.32 -6.03
CA VAL A 401 3.67 19.15 -5.95
C VAL A 401 2.96 20.33 -5.29
N LEU A 402 3.66 21.09 -4.45
CA LEU A 402 3.03 21.92 -3.42
C LEU A 402 3.81 23.22 -3.28
N CYS A 403 3.22 24.34 -3.69
CA CYS A 403 3.85 25.65 -3.46
C CYS A 403 3.94 25.93 -1.96
N GLU A 404 5.11 26.37 -1.51
CA GLU A 404 5.28 26.51 -0.07
C GLU A 404 4.44 27.66 0.51
N THR A 405 3.91 28.55 -0.33
CA THR A 405 3.02 29.60 0.15
C THR A 405 1.61 29.10 0.47
N VAL A 406 1.26 27.87 0.11
CA VAL A 406 -0.08 27.38 0.45
C VAL A 406 -0.22 27.17 1.95
N GLY A 407 0.85 26.80 2.64
CA GLY A 407 0.81 26.65 4.08
C GLY A 407 0.68 25.24 4.61
N VAL A 408 0.98 24.22 3.80
CA VAL A 408 0.89 22.83 4.23
C VAL A 408 2.20 22.43 4.93
N LYS A 409 2.09 22.05 6.20
CA LYS A 409 3.27 21.74 7.02
C LYS A 409 3.86 20.38 6.65
N LEU A 410 5.19 20.34 6.50
CA LEU A 410 5.96 19.12 6.26
C LEU A 410 6.91 18.84 7.42
N ASP A 411 7.32 17.58 7.57
CA ASP A 411 8.29 17.21 8.60
C ASP A 411 9.70 17.24 8.01
N LYS A 412 10.69 16.79 8.78
CA LYS A 412 12.08 16.90 8.31
C LYS A 412 12.43 15.88 7.23
N ASN A 413 11.60 14.88 6.98
CA ASN A 413 11.78 13.98 5.85
C ASN A 413 10.95 14.36 4.64
N GLY A 414 10.27 15.52 4.68
CA GLY A 414 9.49 15.96 3.54
C GLY A 414 8.11 15.36 3.40
N ARG A 415 7.60 14.66 4.41
CA ARG A 415 6.25 14.09 4.41
C ARG A 415 5.27 15.03 5.13
N VAL A 416 3.99 14.88 4.81
CA VAL A 416 2.95 15.82 5.27
C VAL A 416 2.52 15.49 6.69
N VAL A 417 2.48 16.52 7.56
CA VAL A 417 2.04 16.36 8.94
C VAL A 417 0.51 16.47 9.01
N CYS A 418 -0.14 15.40 9.45
CA CYS A 418 -1.60 15.29 9.41
C CYS A 418 -2.15 14.95 10.79
N THR A 419 -3.39 15.38 11.02
CA THR A 419 -4.20 14.95 12.15
C THR A 419 -4.70 13.52 11.92
N ASP A 420 -5.35 12.95 12.94
CA ASP A 420 -5.75 11.55 12.82
C ASP A 420 -6.91 11.32 11.85
N ASP A 421 -7.43 12.37 11.20
CA ASP A 421 -8.42 12.26 10.13
C ASP A 421 -7.85 12.69 8.79
N GLU A 422 -6.51 12.69 8.68
CA GLU A 422 -5.73 12.98 7.47
C GLU A 422 -5.75 14.46 7.06
N GLN A 423 -6.23 15.36 7.92
CA GLN A 423 -6.24 16.79 7.59
C GLN A 423 -4.86 17.42 7.75
N THR A 424 -4.47 18.26 6.79
CA THR A 424 -3.22 19.01 6.85
C THR A 424 -3.42 20.27 7.69
N THR A 425 -2.40 21.14 7.71
CA THR A 425 -2.56 22.44 8.36
C THR A 425 -3.38 23.43 7.53
N VAL A 426 -3.85 23.04 6.34
CA VAL A 426 -4.81 23.83 5.56
C VAL A 426 -6.13 23.05 5.54
N SER A 427 -7.22 23.70 5.98
CA SER A 427 -8.39 22.99 6.50
C SER A 427 -9.08 22.12 5.45
N ASN A 428 -9.00 22.50 4.18
CA ASN A 428 -9.69 21.77 3.10
C ASN A 428 -8.79 20.76 2.41
N VAL A 429 -7.54 20.63 2.83
CA VAL A 429 -6.54 19.82 2.13
C VAL A 429 -6.17 18.66 3.03
N TYR A 430 -6.13 17.45 2.45
CA TYR A 430 -5.86 16.19 3.14
C TYR A 430 -4.72 15.46 2.44
N ALA A 431 -4.05 14.54 3.16
CA ALA A 431 -2.99 13.71 2.57
C ALA A 431 -3.15 12.25 2.98
N ILE A 432 -2.94 11.34 2.03
CA ILE A 432 -3.10 9.90 2.28
C ILE A 432 -1.95 9.13 1.65
N GLY A 433 -1.75 7.90 2.13
CA GLY A 433 -0.74 7.05 1.50
C GLY A 433 0.68 7.32 1.99
N ASP A 434 1.66 7.04 1.11
CA ASP A 434 3.06 7.06 1.53
C ASP A 434 3.53 8.44 1.99
N ILE A 435 2.88 9.52 1.54
CA ILE A 435 3.35 10.86 1.93
C ILE A 435 2.80 11.33 3.27
N ASN A 436 1.96 10.53 3.94
CA ASN A 436 1.43 10.89 5.26
C ASN A 436 2.46 10.53 6.33
N ALA A 437 3.04 11.54 6.98
CA ALA A 437 4.13 11.29 7.93
C ALA A 437 3.74 10.31 9.03
N GLY A 438 4.63 9.37 9.32
CA GLY A 438 4.49 8.47 10.46
C GLY A 438 3.66 7.23 10.21
N LYS A 439 3.05 7.08 9.04
CA LYS A 439 2.14 5.97 8.76
C LYS A 439 2.86 4.82 8.06
N PRO A 440 2.44 3.57 8.31
CA PRO A 440 3.00 2.43 7.56
C PRO A 440 2.77 2.60 6.05
N GLN A 441 3.83 2.35 5.26
CA GLN A 441 3.79 2.65 3.82
C GLN A 441 3.44 1.37 3.05
N LEU A 442 2.12 1.08 3.01
CA LEU A 442 1.60 -0.16 2.44
C LEU A 442 0.35 0.14 1.62
N THR A 443 0.10 -0.67 0.58
CA THR A 443 -1.05 -0.42 -0.29
C THR A 443 -2.39 -0.56 0.41
N PRO A 444 -2.67 -1.61 1.20
CA PRO A 444 -3.98 -1.69 1.85
C PRO A 444 -4.23 -0.58 2.87
N VAL A 445 -3.16 -0.02 3.44
CA VAL A 445 -3.34 1.12 4.33
C VAL A 445 -3.78 2.34 3.54
N ALA A 446 -3.12 2.60 2.41
CA ALA A 446 -3.49 3.73 1.55
C ALA A 446 -4.93 3.60 1.06
N ILE A 447 -5.36 2.38 0.71
CA ILE A 447 -6.72 2.19 0.22
C ILE A 447 -7.75 2.44 1.31
N GLN A 448 -7.50 1.92 2.51
CA GLN A 448 -8.44 2.14 3.62
C GLN A 448 -8.51 3.62 4.01
N ALA A 449 -7.36 4.30 4.06
CA ALA A 449 -7.35 5.73 4.38
C ALA A 449 -8.19 6.52 3.39
N GLY A 450 -7.99 6.27 2.09
CA GLY A 450 -8.70 7.03 1.08
C GLY A 450 -10.20 6.76 1.07
N ARG A 451 -10.59 5.48 1.19
CA ARG A 451 -12.00 5.14 1.21
C ARG A 451 -12.71 5.71 2.44
N TYR A 452 -12.10 5.56 3.61
CA TYR A 452 -12.72 6.06 4.84
C TYR A 452 -12.80 7.58 4.82
N LEU A 453 -11.78 8.25 4.27
CA LEU A 453 -11.79 9.71 4.20
C LEU A 453 -12.91 10.21 3.29
N ALA A 454 -13.05 9.60 2.09
CA ALA A 454 -14.12 10.02 1.19
C ALA A 454 -15.49 9.93 1.84
N ARG A 455 -15.69 8.90 2.68
CA ARG A 455 -16.98 8.75 3.35
C ARG A 455 -17.20 9.80 4.44
N ARG A 456 -16.13 10.20 5.15
CA ARG A 456 -16.29 11.27 6.13
C ARG A 456 -16.59 12.61 5.45
N LEU A 457 -15.97 12.89 4.31
CA LEU A 457 -16.19 14.15 3.62
C LEU A 457 -17.59 14.25 3.01
N PHE A 458 -18.08 13.18 2.38
CA PHE A 458 -19.23 13.30 1.50
C PHE A 458 -20.43 12.45 1.90
N ALA A 459 -20.33 11.64 2.95
CA ALA A 459 -21.46 10.81 3.39
C ALA A 459 -21.75 10.90 4.89
N GLY A 460 -21.13 11.84 5.60
CA GLY A 460 -21.37 11.98 7.03
C GLY A 460 -20.81 10.88 7.90
N ALA A 461 -19.84 10.10 7.41
CA ALA A 461 -19.28 9.03 8.23
C ALA A 461 -18.36 9.61 9.31
N THR A 462 -18.10 8.80 10.33
CA THR A 462 -17.21 9.17 11.42
C THR A 462 -16.00 8.26 11.59
N GLU A 463 -15.99 7.08 10.98
CA GLU A 463 -14.95 6.08 11.26
C GLU A 463 -13.58 6.56 10.80
N LEU A 464 -12.58 6.41 11.66
CA LEU A 464 -11.19 6.72 11.34
C LEU A 464 -10.45 5.44 10.92
N THR A 465 -9.35 5.62 10.17
CA THR A 465 -8.45 4.51 9.88
C THR A 465 -7.60 4.20 11.11
N ASP A 466 -7.45 2.91 11.44
CA ASP A 466 -6.62 2.47 12.55
C ASP A 466 -5.29 1.99 11.97
N TYR A 467 -4.20 2.69 12.33
CA TYR A 467 -2.87 2.40 11.80
C TYR A 467 -2.02 1.50 12.69
N SER A 468 -2.59 0.92 13.76
CA SER A 468 -1.82 0.13 14.72
C SER A 468 -1.86 -1.37 14.39
N ASN A 469 -0.75 -2.05 14.68
CA ASN A 469 -0.62 -3.51 14.52
C ASN A 469 -1.01 -3.98 13.11
N VAL A 470 -0.57 -3.22 12.11
CA VAL A 470 -0.81 -3.59 10.70
C VAL A 470 0.18 -4.67 10.30
N ALA A 471 -0.33 -5.81 9.85
CA ALA A 471 0.48 -6.97 9.51
C ALA A 471 1.21 -6.77 8.17
N THR A 472 2.33 -7.47 8.01
CA THR A 472 3.20 -7.35 6.84
C THR A 472 3.64 -8.74 6.38
N THR A 473 4.06 -8.85 5.11
CA THR A 473 4.80 -10.04 4.68
C THR A 473 5.90 -9.67 3.70
N VAL A 474 7.12 -10.18 3.95
CA VAL A 474 8.28 -10.03 3.07
C VAL A 474 8.34 -11.27 2.19
N PHE A 475 8.30 -11.08 0.86
CA PHE A 475 8.21 -12.20 -0.08
C PHE A 475 9.59 -12.58 -0.62
N THR A 476 10.46 -12.88 0.35
CA THR A 476 11.75 -13.52 0.09
C THR A 476 11.55 -15.00 -0.27
N PRO A 477 12.59 -15.70 -0.76
CA PRO A 477 12.40 -17.10 -1.20
C PRO A 477 11.72 -17.99 -0.16
N LEU A 478 12.12 -17.90 1.09
CA LEU A 478 11.31 -18.34 2.21
C LEU A 478 10.68 -17.08 2.83
N GLU A 479 9.35 -17.04 2.86
CA GLU A 479 8.58 -15.83 3.19
C GLU A 479 8.56 -15.57 4.71
N TYR A 480 8.44 -14.28 5.08
CA TYR A 480 8.43 -13.87 6.49
C TYR A 480 7.21 -12.99 6.77
N GLY A 481 6.29 -13.48 7.60
CA GLY A 481 5.10 -12.72 7.97
C GLY A 481 5.19 -12.25 9.41
N ALA A 482 4.62 -11.07 9.70
CA ALA A 482 4.68 -10.54 11.06
C ALA A 482 3.49 -9.63 11.35
N CYS A 483 3.10 -9.56 12.63
CA CYS A 483 2.06 -8.64 13.08
C CYS A 483 2.37 -8.20 14.51
N GLY A 484 2.58 -6.91 14.71
CA GLY A 484 2.89 -6.37 16.04
C GLY A 484 4.36 -6.09 16.26
N LEU A 485 4.75 -6.10 17.53
CA LEU A 485 6.12 -5.73 17.93
C LEU A 485 7.14 -6.82 17.62
N SER A 486 8.35 -6.39 17.23
CA SER A 486 9.52 -7.25 17.31
C SER A 486 9.82 -7.59 18.77
N GLU A 487 10.57 -8.68 18.96
CA GLU A 487 10.96 -9.08 20.32
C GLU A 487 11.79 -7.98 20.98
N GLU A 488 12.72 -7.36 20.24
CA GLU A 488 13.58 -6.35 20.85
C GLU A 488 12.80 -5.08 21.19
N ASP A 489 11.81 -4.71 20.37
CA ASP A 489 10.99 -3.54 20.73
C ASP A 489 10.13 -3.82 21.96
N ALA A 490 9.61 -5.05 22.09
CA ALA A 490 8.81 -5.37 23.28
C ALA A 490 9.66 -5.33 24.55
N ILE A 491 10.89 -5.83 24.49
CA ILE A 491 11.77 -5.85 25.66
C ILE A 491 12.17 -4.43 26.04
N GLU A 492 12.42 -3.56 25.04
CA GLU A 492 12.76 -2.18 25.33
C GLU A 492 11.60 -1.42 25.98
N LYS A 493 10.36 -1.72 25.58
CA LYS A 493 9.18 -1.02 26.10
C LYS A 493 8.77 -1.48 27.49
N TYR A 494 8.86 -2.77 27.78
CA TYR A 494 8.31 -3.32 29.01
C TYR A 494 9.34 -3.93 29.95
N GLY A 495 10.56 -4.18 29.47
CA GLY A 495 11.58 -4.83 30.26
C GLY A 495 11.58 -6.33 30.09
N ASP A 496 12.79 -6.92 30.09
CA ASP A 496 12.94 -8.34 29.81
C ASP A 496 12.21 -9.24 30.80
N LYS A 497 12.09 -8.80 32.06
CA LYS A 497 11.41 -9.63 33.05
C LYS A 497 9.91 -9.75 32.78
N ASP A 498 9.33 -8.84 32.00
CA ASP A 498 7.92 -8.86 31.70
C ASP A 498 7.61 -9.50 30.35
N ILE A 499 8.60 -10.03 29.65
CA ILE A 499 8.41 -10.58 28.30
C ILE A 499 8.64 -12.09 28.33
N GLU A 500 7.65 -12.86 27.85
CA GLU A 500 7.77 -14.29 27.62
C GLU A 500 7.66 -14.56 26.13
N VAL A 501 8.53 -15.41 25.60
CA VAL A 501 8.54 -15.75 24.16
C VAL A 501 8.38 -17.25 24.00
N TYR A 502 7.30 -17.67 23.32
CA TYR A 502 7.06 -19.07 22.97
C TYR A 502 7.49 -19.28 21.52
N HIS A 503 8.18 -20.38 21.23
CA HIS A 503 8.73 -20.57 19.89
C HIS A 503 8.90 -22.05 19.51
N SER A 504 9.03 -22.30 18.20
CA SER A 504 9.19 -23.65 17.68
C SER A 504 9.70 -23.59 16.24
N ASN A 505 10.61 -24.50 15.90
CA ASN A 505 10.82 -24.83 14.49
C ASN A 505 9.66 -25.69 13.98
N PHE A 506 9.55 -25.81 12.66
CA PHE A 506 8.55 -26.72 12.09
C PHE A 506 9.00 -27.10 10.69
N LYS A 507 8.40 -28.18 10.17
CA LYS A 507 8.67 -28.65 8.81
C LYS A 507 7.35 -28.83 8.08
N PRO A 508 7.14 -28.13 6.94
CA PRO A 508 5.91 -28.37 6.15
C PRO A 508 5.84 -29.83 5.74
N LEU A 509 4.62 -30.41 5.78
CA LEU A 509 4.45 -31.79 5.34
C LEU A 509 4.90 -31.96 3.89
N GLU A 510 4.68 -30.93 3.08
CA GLU A 510 5.10 -30.95 1.67
C GLU A 510 6.60 -31.10 1.51
N TRP A 511 7.41 -30.76 2.53
CA TRP A 511 8.85 -30.84 2.44
C TRP A 511 9.41 -32.23 2.79
N THR A 512 8.57 -33.15 3.30
CA THR A 512 9.07 -34.45 3.75
C THR A 512 9.52 -35.31 2.56
N VAL A 513 8.57 -35.63 1.67
CA VAL A 513 8.87 -36.43 0.48
C VAL A 513 9.84 -35.69 -0.44
N ALA A 514 9.84 -34.35 -0.39
CA ALA A 514 10.77 -33.58 -1.23
C ALA A 514 12.17 -33.48 -0.65
N HIS A 515 12.42 -34.01 0.55
CA HIS A 515 13.77 -34.00 1.15
C HIS A 515 14.28 -32.57 1.34
N GLU A 517 14.69 -29.19 4.13
CA GLU A 517 15.30 -29.00 5.45
C GLU A 517 14.35 -29.19 6.64
N ASP A 518 14.88 -29.79 7.72
CA ASP A 518 14.07 -30.14 8.89
C ASP A 518 13.77 -28.94 9.79
N ASN A 519 14.71 -28.02 9.95
CA ASN A 519 14.68 -27.03 11.04
C ASN A 519 15.08 -25.65 10.53
N VAL A 520 14.44 -25.18 9.45
CA VAL A 520 14.66 -23.84 8.94
C VAL A 520 13.43 -22.96 9.13
N CYS A 521 12.23 -23.51 8.92
CA CYS A 521 11.01 -22.77 9.22
C CYS A 521 10.89 -22.60 10.74
N TYR A 522 10.31 -21.48 11.16
CA TYR A 522 10.35 -21.03 12.56
C TYR A 522 9.20 -20.09 12.86
N MET A 523 8.66 -20.15 14.09
CA MET A 523 7.64 -19.19 14.50
C MET A 523 7.78 -18.86 15.98
N LYS A 524 7.29 -17.68 16.36
CA LYS A 524 7.29 -17.27 17.78
C LYS A 524 6.16 -16.30 18.08
N LEU A 525 5.73 -16.30 19.35
CA LEU A 525 4.78 -15.35 19.92
C LEU A 525 5.48 -14.59 21.03
N VAL A 526 5.47 -13.25 20.95
CA VAL A 526 6.12 -12.39 21.94
C VAL A 526 5.03 -11.85 22.85
N CYS A 527 5.08 -12.16 24.16
CA CYS A 527 3.94 -11.97 25.05
C CYS A 527 4.33 -11.15 26.29
N ARG A 528 3.32 -10.48 26.88
CA ARG A 528 3.49 -9.63 28.06
C ARG A 528 2.92 -10.33 29.30
N LYS A 529 3.82 -10.71 30.21
CA LYS A 529 3.43 -11.50 31.37
C LYS A 529 2.40 -10.78 32.22
N SER A 530 2.61 -9.48 32.49
CA SER A 530 1.77 -8.75 33.43
C SER A 530 0.42 -8.31 32.86
N ASP A 531 0.16 -8.56 31.57
CA ASP A 531 -1.15 -8.28 30.97
C ASP A 531 -1.77 -9.57 30.45
N ASN A 532 -1.87 -10.59 31.32
CA ASN A 532 -2.53 -11.86 30.99
C ASN A 532 -1.91 -12.56 29.78
N MET A 533 -0.59 -12.45 29.61
CA MET A 533 0.13 -13.06 28.48
C MET A 533 -0.42 -12.56 27.14
N ARG A 534 -0.68 -11.24 27.07
CA ARG A 534 -1.12 -10.60 25.83
C ARG A 534 -0.11 -10.84 24.71
N VAL A 535 -0.61 -11.15 23.51
CA VAL A 535 0.28 -11.35 22.37
C VAL A 535 0.66 -9.97 21.81
N LEU A 536 1.90 -9.55 22.02
CA LEU A 536 2.39 -8.27 21.53
C LEU A 536 2.85 -8.37 20.08
N GLY A 537 3.37 -9.53 19.68
CA GLY A 537 3.88 -9.72 18.33
C GLY A 537 3.91 -11.17 17.89
N LEU A 538 3.57 -11.43 16.62
CA LEU A 538 3.56 -12.76 16.01
C LEU A 538 4.50 -12.75 14.81
N HIS A 539 5.30 -13.81 14.66
CA HIS A 539 6.32 -13.89 13.62
C HIS A 539 6.40 -15.30 13.04
N VAL A 540 6.41 -15.44 11.70
CA VAL A 540 6.52 -16.76 11.08
C VAL A 540 7.37 -16.69 9.81
N LEU A 541 8.31 -17.63 9.69
CA LEU A 541 9.16 -17.82 8.51
C LEU A 541 8.81 -19.19 7.93
N GLY A 542 8.26 -19.20 6.71
CA GLY A 542 7.87 -20.43 6.06
C GLY A 542 7.06 -20.19 4.80
N PRO A 543 6.66 -21.27 4.10
CA PRO A 543 5.85 -21.09 2.88
C PRO A 543 4.50 -20.46 3.19
N ASN A 544 4.00 -19.65 2.25
CA ASN A 544 2.65 -19.08 2.32
C ASN A 544 2.45 -18.21 3.56
N ALA A 545 3.53 -17.54 3.98
CA ALA A 545 3.52 -16.82 5.25
C ALA A 545 2.46 -15.71 5.29
N GLY A 546 2.12 -15.10 4.16
CA GLY A 546 1.10 -14.07 4.17
C GLY A 546 -0.30 -14.64 4.41
N GLU A 547 -0.58 -15.80 3.81
CA GLU A 547 -1.84 -16.48 4.08
C GLU A 547 -1.92 -16.92 5.54
N ILE A 548 -0.79 -17.38 6.10
CA ILE A 548 -0.77 -17.78 7.52
C ILE A 548 -1.07 -16.58 8.42
N THR A 549 -0.39 -15.46 8.18
CA THR A 549 -0.42 -14.33 9.13
C THR A 549 -1.76 -13.61 9.14
N GLN A 550 -2.42 -13.50 7.99
CA GLN A 550 -3.53 -12.55 7.88
C GLN A 550 -4.61 -12.75 8.95
N GLY A 551 -5.09 -13.99 9.14
CA GLY A 551 -6.21 -14.17 10.05
C GLY A 551 -5.84 -13.86 11.49
N TYR A 552 -4.60 -14.12 11.88
CA TYR A 552 -4.18 -13.77 13.23
C TYR A 552 -4.21 -12.27 13.48
N ALA A 553 -4.09 -11.44 12.43
CA ALA A 553 -4.12 -9.99 12.65
C ALA A 553 -5.47 -9.53 13.20
N VAL A 554 -6.57 -10.22 12.86
CA VAL A 554 -7.86 -9.90 13.46
C VAL A 554 -7.85 -10.21 14.95
N ALA A 555 -7.31 -11.38 15.32
CA ALA A 555 -7.24 -11.75 16.74
C ALA A 555 -6.38 -10.78 17.53
N ILE A 556 -5.25 -10.36 16.96
CA ILE A 556 -4.39 -9.40 17.67
C ILE A 556 -5.09 -8.05 17.78
N LYS A 557 -5.82 -7.62 16.75
CA LYS A 557 -6.60 -6.39 16.84
C LYS A 557 -7.57 -6.46 18.02
N MET A 558 -8.12 -7.63 18.30
CA MET A 558 -9.07 -7.80 19.40
C MET A 558 -8.40 -8.08 20.75
N GLY A 559 -7.08 -8.03 20.84
CA GLY A 559 -6.39 -8.25 22.10
C GLY A 559 -6.13 -9.70 22.49
N ALA A 560 -5.76 -10.55 21.53
CA ALA A 560 -5.58 -11.97 21.84
C ALA A 560 -4.49 -12.19 22.88
N THR A 561 -4.72 -13.19 23.75
CA THR A 561 -3.74 -13.67 24.71
C THR A 561 -3.24 -15.06 24.31
N LYS A 562 -2.16 -15.50 24.96
CA LYS A 562 -1.69 -16.88 24.76
C LYS A 562 -2.80 -17.89 25.04
N ALA A 563 -3.65 -17.62 26.04
CA ALA A 563 -4.74 -18.54 26.35
C ALA A 563 -5.72 -18.65 25.18
N ASP A 564 -5.94 -17.57 24.45
CA ASP A 564 -6.81 -17.63 23.27
C ASP A 564 -6.21 -18.53 22.19
N PHE A 565 -4.89 -18.46 21.96
CA PHE A 565 -4.25 -19.39 21.02
C PHE A 565 -4.35 -20.82 21.53
N ASP A 566 -4.20 -21.02 22.85
CA ASP A 566 -4.23 -22.40 23.39
C ASP A 566 -5.61 -23.04 23.26
N ARG A 567 -6.68 -22.29 23.55
CA ARG A 567 -8.03 -22.88 23.55
C ARG A 567 -8.57 -23.12 22.13
N THR A 568 -8.03 -22.43 21.12
CA THR A 568 -8.39 -22.66 19.73
C THR A 568 -7.72 -23.93 19.19
N ILE A 569 -8.49 -24.76 18.44
CA ILE A 569 -7.96 -26.03 17.92
C ILE A 569 -7.34 -25.84 16.53
N GLY A 570 -6.27 -26.60 16.26
CA GLY A 570 -5.61 -26.52 14.97
C GLY A 570 -6.37 -27.22 13.87
N ILE A 571 -6.05 -26.82 12.63
CA ILE A 571 -6.45 -27.51 11.40
C ILE A 571 -5.25 -28.35 10.95
N HIS A 572 -5.45 -29.67 10.76
CA HIS A 572 -4.36 -30.60 10.41
C HIS A 572 -4.61 -31.25 9.04
N PRO A 573 -3.57 -31.39 8.18
CA PRO A 573 -2.18 -30.92 8.33
C PRO A 573 -1.96 -29.54 7.73
N THR A 574 -1.51 -28.55 8.51
CA THR A 574 -1.14 -27.23 8.01
C THR A 574 0.14 -26.76 8.68
N CYS A 575 0.77 -25.74 8.09
CA CYS A 575 1.84 -25.05 8.80
C CYS A 575 1.30 -24.20 9.94
N SER A 576 0.16 -23.53 9.70
CA SER A 576 -0.35 -22.53 10.63
C SER A 576 -0.73 -23.12 11.98
N GLU A 577 -1.12 -24.40 12.02
CA GLU A 577 -1.59 -25.00 13.27
C GLU A 577 -0.53 -25.02 14.35
N THR A 578 0.75 -24.91 13.97
CA THR A 578 1.80 -24.91 14.99
C THR A 578 1.62 -23.76 16.00
N PHE A 579 0.95 -22.69 15.59
CA PHE A 579 0.68 -21.57 16.52
C PHE A 579 -0.27 -21.97 17.65
N THR A 580 -1.08 -23.03 17.46
CA THR A 580 -2.10 -23.36 18.44
C THR A 580 -1.60 -24.23 19.59
N THR A 581 -0.36 -24.76 19.49
CA THR A 581 0.20 -25.67 20.49
C THR A 581 1.60 -25.28 20.95
N LEU A 582 1.98 -24.00 20.85
CA LEU A 582 3.32 -23.60 21.29
C LEU A 582 3.47 -23.75 22.81
N HIS A 583 4.66 -24.17 23.26
CA HIS A 583 4.86 -24.40 24.68
C HIS A 583 6.29 -24.15 25.17
N VAL A 584 7.28 -24.20 24.27
CA VAL A 584 8.67 -24.00 24.67
C VAL A 584 8.95 -22.51 24.80
N THR A 585 9.42 -22.08 25.98
CA THR A 585 9.78 -20.68 26.21
C THR A 585 11.28 -20.49 25.99
N LYS A 586 11.66 -19.28 25.59
CA LYS A 586 13.07 -18.96 25.44
C LYS A 586 13.79 -18.96 26.78
N LYS A 587 13.12 -18.48 27.84
CA LYS A 587 13.73 -18.46 29.17
C LYS A 587 14.09 -19.86 29.65
N SER A 588 13.33 -20.88 29.24
CA SER A 588 13.58 -22.23 29.71
C SER A 588 14.88 -22.80 29.16
N GLY A 589 15.39 -22.27 28.04
CA GLY A 589 16.55 -22.82 27.38
C GLY A 589 16.33 -24.10 26.61
N VAL A 590 15.10 -24.64 26.58
CA VAL A 590 14.85 -25.89 25.88
C VAL A 590 14.91 -25.64 24.36
N SER A 591 15.45 -26.62 23.62
CA SER A 591 15.62 -26.46 22.18
C SER A 591 14.26 -26.32 21.48
N PRO A 592 14.17 -25.47 20.45
CA PRO A 592 12.95 -25.40 19.64
C PRO A 592 12.89 -26.37 18.47
N ILE A 593 13.90 -27.22 18.27
CA ILE A 593 13.92 -28.07 17.06
C ILE A 593 12.84 -29.14 17.16
N VAL A 594 12.50 -29.70 16.00
CA VAL A 594 11.41 -30.66 15.87
C VAL A 594 11.79 -32.01 16.47
#